data_8YSE
#
_entry.id   8YSE
#
_cell.length_a   35.355
_cell.length_b   46.614
_cell.length_c   59.644
_cell.angle_alpha   99.56
_cell.angle_beta   105.81
_cell.angle_gamma   100.12
#
_symmetry.space_group_name_H-M   'P 1'
#
loop_
_entity.id
_entity.type
_entity.pdbx_description
1 polymer Nucleotidyltransferase
2 non-polymer "2'-DEOXYADENOSINE 5'-TRIPHOSPHATE"
3 non-polymer 'MAGNESIUM ION'
4 water water
#
_entity_poly.entity_id   1
_entity_poly.type   'polypeptide(L)'
_entity_poly.pdbx_seq_one_letter_code
;MAPVQKQFREFHDRIKLAQYDENQTLRDERDAVLTAVREGLKKVFADRGEAAPTFTPFNQGSYAMNTGVKPLEGGEYDID
VGIILNIAKDDHDPVEVKKWIRDALKDYGNGAEIRRSCVTVFKPGYHVDLAVYADPELSGGTLCIAKGKENSGDEHRLWQ
ISDPQGFQDRIASKLSGDDAAQFRRCIRYLKRWRDFRFSSDGNAAPLGIGLTAAAYWWFQVSKRTDPVSQNVTYDDRDAL
EQFVQTMLDNFHDTWDSKDQRSYPRLTVELPVQPYNDVFEKMTGMQMESFKSKLQALLNALKTAKSRLELHDACKALADH
FGSEFPVPEKDKSAVHTAPAIVGSGSSG
;
_entity_poly.pdbx_strand_id   A
#
# COMPACT_ATOMS: atom_id res chain seq x y z
N MET A 1 -23.91 24.46 -10.21
CA MET A 1 -23.12 23.96 -9.01
C MET A 1 -21.64 23.95 -9.38
N ALA A 2 -20.80 24.36 -8.42
CA ALA A 2 -19.35 24.47 -8.64
C ALA A 2 -18.77 23.08 -8.89
N PRO A 3 -17.94 22.91 -9.95
CA PRO A 3 -17.16 21.68 -10.14
C PRO A 3 -15.87 21.73 -9.29
N VAL A 4 -15.24 20.57 -9.06
CA VAL A 4 -14.04 20.51 -8.26
C VAL A 4 -12.87 19.79 -8.97
N GLN A 5 -13.01 19.49 -10.27
CA GLN A 5 -11.99 18.68 -10.95
C GLN A 5 -10.60 19.36 -10.85
N LYS A 6 -10.52 20.63 -11.22
CA LYS A 6 -9.24 21.40 -11.12
C LYS A 6 -8.60 21.25 -9.72
N GLN A 7 -9.41 21.31 -8.67
CA GLN A 7 -8.91 21.24 -7.28
C GLN A 7 -8.39 19.84 -7.01
N PHE A 8 -9.10 18.81 -7.50
CA PHE A 8 -8.67 17.42 -7.34
C PHE A 8 -7.31 17.24 -8.03
N ARG A 9 -7.19 17.76 -9.26
CA ARG A 9 -5.95 17.62 -10.02
C ARG A 9 -4.78 18.30 -9.30
N GLU A 10 -5.05 19.47 -8.68
CA GLU A 10 -4.05 20.20 -7.92
C GLU A 10 -3.70 19.41 -6.64
N PHE A 11 -4.72 18.93 -5.92
CA PHE A 11 -4.50 18.05 -4.75
C PHE A 11 -3.60 16.90 -5.17
N HIS A 12 -3.92 16.29 -6.32
CA HIS A 12 -3.09 15.19 -6.77
C HIS A 12 -1.63 15.62 -6.96
N ASP A 13 -1.40 16.75 -7.65
CA ASP A 13 -0.04 17.21 -7.88
C ASP A 13 0.70 17.38 -6.55
N ARG A 14 -0.02 17.78 -5.50
CA ARG A 14 0.61 18.07 -4.20
C ARG A 14 0.96 16.78 -3.45
N ILE A 15 0.14 15.71 -3.60
CA ILE A 15 0.30 14.50 -2.74
C ILE A 15 1.20 13.44 -3.41
N LYS A 16 1.32 13.46 -4.75
CA LYS A 16 1.94 12.38 -5.47
C LYS A 16 3.43 12.37 -5.19
N LEU A 17 3.97 11.15 -5.09
CA LEU A 17 5.38 10.93 -4.96
C LEU A 17 5.84 10.12 -6.19
N ALA A 18 6.90 10.59 -6.86
CA ALA A 18 7.33 9.93 -8.10
C ALA A 18 7.82 8.51 -7.76
N GLN A 19 7.44 7.57 -8.60
CA GLN A 19 7.79 6.17 -8.49
C GLN A 19 9.29 5.95 -8.70
N TYR A 20 9.77 4.76 -8.30
CA TYR A 20 11.18 4.42 -8.35
C TYR A 20 11.81 4.79 -9.69
N ASP A 21 11.17 4.43 -10.81
CA ASP A 21 11.71 4.69 -12.16
C ASP A 21 11.88 6.21 -12.48
N GLU A 22 11.35 7.11 -11.63
CA GLU A 22 11.45 8.56 -11.84
C GLU A 22 11.95 9.26 -10.57
N ASN A 23 12.50 8.49 -9.62
CA ASN A 23 12.84 9.05 -8.34
C ASN A 23 14.23 8.56 -7.93
N GLN A 24 15.22 9.28 -8.45
CA GLN A 24 16.64 9.19 -8.13
C GLN A 24 16.85 8.93 -6.63
N THR A 25 16.26 9.81 -5.81
CA THR A 25 16.40 9.80 -4.37
C THR A 25 15.96 8.46 -3.80
N LEU A 26 14.77 7.96 -4.21
CA LEU A 26 14.23 6.73 -3.68
C LEU A 26 15.13 5.57 -4.10
N ARG A 27 15.53 5.55 -5.37
CA ARG A 27 16.42 4.53 -5.90
C ARG A 27 17.71 4.47 -5.03
N ASP A 28 18.29 5.64 -4.74
CA ASP A 28 19.56 5.77 -3.98
C ASP A 28 19.39 5.22 -2.55
N GLU A 29 18.30 5.59 -1.90
CA GLU A 29 18.03 5.10 -0.54
C GLU A 29 17.76 3.58 -0.56
N ARG A 30 17.14 3.08 -1.64
CA ARG A 30 16.88 1.66 -1.84
C ARG A 30 18.23 0.94 -2.05
N ASP A 31 19.01 1.42 -3.02
CA ASP A 31 20.26 0.80 -3.44
C ASP A 31 21.25 0.78 -2.25
N ALA A 32 21.15 1.76 -1.35
CA ALA A 32 22.00 1.87 -0.19
C ALA A 32 21.72 0.73 0.80
N VAL A 33 20.45 0.44 1.01
CA VAL A 33 20.06 -0.60 1.95
C VAL A 33 20.43 -1.96 1.36
N LEU A 34 20.22 -2.16 0.05
CA LEU A 34 20.59 -3.42 -0.58
C LEU A 34 22.11 -3.59 -0.47
N THR A 35 22.85 -2.49 -0.70
CA THR A 35 24.29 -2.51 -0.61
C THR A 35 24.70 -2.95 0.80
N ALA A 36 24.06 -2.35 1.81
CA ALA A 36 24.38 -2.65 3.22
C ALA A 36 24.12 -4.13 3.49
N VAL A 37 23.07 -4.71 2.90
CA VAL A 37 22.74 -6.12 3.15
C VAL A 37 23.83 -7.03 2.57
N ARG A 38 24.29 -6.77 1.35
CA ARG A 38 25.32 -7.62 0.77
C ARG A 38 26.57 -7.54 1.64
N GLU A 39 26.97 -6.30 1.97
CA GLU A 39 28.19 -6.00 2.74
C GLU A 39 28.07 -6.64 4.12
N GLY A 40 26.92 -6.40 4.76
CA GLY A 40 26.56 -7.00 6.04
C GLY A 40 26.59 -8.51 6.00
N LEU A 41 26.10 -9.12 4.91
CA LEU A 41 25.92 -10.58 4.86
C LEU A 41 27.28 -11.29 4.89
N LYS A 42 28.28 -10.65 4.27
CA LYS A 42 29.66 -11.14 4.17
C LYS A 42 30.25 -11.38 5.56
N LYS A 43 29.85 -10.51 6.50
CA LYS A 43 30.26 -10.61 7.89
C LYS A 43 29.53 -11.79 8.55
N VAL A 44 28.19 -11.79 8.44
CA VAL A 44 27.37 -12.73 9.20
C VAL A 44 27.76 -14.17 8.84
N PHE A 45 28.34 -14.38 7.65
CA PHE A 45 28.56 -15.72 7.12
C PHE A 45 30.04 -16.10 7.20
N ALA A 46 30.90 -15.09 7.33
CA ALA A 46 32.28 -15.28 7.74
C ALA A 46 32.32 -15.82 9.18
N ASP A 47 31.29 -15.50 9.97
CA ASP A 47 31.14 -16.02 11.33
C ASP A 47 30.72 -17.50 11.30
N ARG A 48 29.73 -17.80 10.47
CA ARG A 48 29.08 -19.10 10.46
C ARG A 48 30.01 -20.15 9.86
N GLY A 49 30.92 -19.71 8.99
CA GLY A 49 31.85 -20.57 8.28
C GLY A 49 31.27 -21.12 6.99
N GLU A 50 30.34 -20.36 6.39
CA GLU A 50 29.68 -20.75 5.14
C GLU A 50 29.70 -19.58 4.16
N ALA A 51 29.60 -19.88 2.87
CA ALA A 51 29.50 -18.86 1.80
C ALA A 51 28.22 -18.02 1.99
N ALA A 52 28.39 -16.69 1.97
CA ALA A 52 27.27 -15.72 1.92
C ALA A 52 26.25 -16.15 0.87
N PRO A 53 24.95 -16.24 1.23
CA PRO A 53 23.90 -16.40 0.22
C PRO A 53 23.79 -15.12 -0.63
N THR A 54 23.54 -15.30 -1.91
CA THR A 54 23.33 -14.18 -2.82
C THR A 54 21.82 -13.91 -2.91
N PHE A 55 21.46 -12.70 -3.32
CA PHE A 55 20.04 -12.41 -3.51
C PHE A 55 19.87 -11.57 -4.79
N THR A 56 18.69 -11.69 -5.38
CA THR A 56 18.20 -10.84 -6.45
C THR A 56 17.12 -9.92 -5.89
N PRO A 57 17.28 -8.58 -5.96
CA PRO A 57 16.29 -7.66 -5.43
C PRO A 57 15.29 -7.30 -6.53
N PHE A 58 14.09 -6.86 -6.13
CA PHE A 58 13.12 -6.27 -7.06
C PHE A 58 12.25 -5.24 -6.31
N ASN A 59 11.67 -4.32 -7.08
CA ASN A 59 10.88 -3.20 -6.56
C ASN A 59 9.51 -3.73 -6.12
N GLN A 60 9.02 -3.28 -4.98
CA GLN A 60 7.70 -3.65 -4.53
C GLN A 60 6.96 -2.40 -4.13
N GLY A 61 5.67 -2.58 -3.88
CA GLY A 61 4.91 -1.61 -3.19
C GLY A 61 4.51 -0.47 -4.09
N SER A 62 4.00 0.57 -3.46
CA SER A 62 3.38 1.64 -4.20
C SER A 62 4.44 2.42 -5.01
N TYR A 63 5.72 2.38 -4.60
CA TYR A 63 6.74 3.10 -5.39
C TYR A 63 7.07 2.31 -6.66
N ALA A 64 6.74 1.00 -6.70
CA ALA A 64 6.89 0.21 -7.94
C ALA A 64 5.68 0.40 -8.86
N MET A 65 4.53 0.64 -8.26
CA MET A 65 3.26 0.60 -8.95
C MET A 65 2.77 2.02 -9.31
N ASN A 66 3.51 3.05 -8.89
CA ASN A 66 3.19 4.42 -9.24
C ASN A 66 1.87 4.83 -8.55
N THR A 67 1.70 4.46 -7.27
CA THR A 67 0.55 4.84 -6.50
C THR A 67 0.99 5.51 -5.18
N GLY A 68 2.17 6.08 -5.17
CA GLY A 68 2.82 6.51 -3.89
C GLY A 68 2.45 7.92 -3.55
N VAL A 69 2.33 8.22 -2.26
CA VAL A 69 2.03 9.57 -1.77
C VAL A 69 3.11 10.04 -0.83
N LYS A 70 3.31 11.35 -0.83
CA LYS A 70 4.09 11.99 0.19
C LYS A 70 3.40 11.86 1.54
N PRO A 71 4.19 11.58 2.59
CA PRO A 71 3.69 11.56 3.95
C PRO A 71 3.44 12.99 4.42
N LEU A 72 2.47 13.12 5.34
CA LEU A 72 2.25 14.32 6.12
C LEU A 72 3.47 14.55 7.03
N GLU A 73 3.62 15.78 7.55
CA GLU A 73 4.76 16.09 8.45
C GLU A 73 4.77 15.13 9.64
N GLY A 74 5.96 14.61 9.97
CA GLY A 74 6.12 13.61 11.05
C GLY A 74 5.76 12.17 10.63
N GLY A 75 5.32 11.98 9.36
CA GLY A 75 5.15 10.66 8.76
C GLY A 75 6.43 10.19 8.09
N GLU A 76 6.45 8.93 7.68
CA GLU A 76 7.62 8.32 7.07
C GLU A 76 7.26 7.82 5.66
N TYR A 77 8.23 7.90 4.74
CA TYR A 77 8.21 7.20 3.48
C TYR A 77 8.33 5.69 3.76
N ASP A 78 7.71 4.89 2.89
CA ASP A 78 7.67 3.45 3.02
C ASP A 78 8.28 2.82 1.77
N ILE A 79 9.58 2.52 1.81
CA ILE A 79 10.32 1.99 0.66
C ILE A 79 10.23 0.47 0.71
N ASP A 80 9.45 -0.10 -0.22
CA ASP A 80 9.22 -1.55 -0.25
C ASP A 80 10.10 -2.18 -1.34
N VAL A 81 10.82 -3.22 -0.94
CA VAL A 81 11.77 -3.92 -1.74
C VAL A 81 11.68 -5.42 -1.40
N GLY A 82 11.85 -6.26 -2.41
CA GLY A 82 11.90 -7.70 -2.24
C GLY A 82 13.30 -8.20 -2.51
N ILE A 83 13.74 -9.21 -1.74
CA ILE A 83 15.01 -9.88 -2.01
C ILE A 83 14.79 -11.40 -2.06
N ILE A 84 15.23 -12.01 -3.16
CA ILE A 84 15.14 -13.47 -3.40
C ILE A 84 16.52 -14.09 -3.13
N LEU A 85 16.64 -14.78 -1.99
CA LEU A 85 17.91 -15.38 -1.55
C LEU A 85 18.11 -16.71 -2.34
N ASN A 86 19.37 -17.05 -2.66
CA ASN A 86 19.69 -18.31 -3.38
C ASN A 86 19.63 -19.48 -2.38
N ILE A 87 18.43 -19.70 -1.80
CA ILE A 87 18.24 -20.72 -0.78
C ILE A 87 16.97 -21.51 -1.09
N ALA A 88 16.98 -22.76 -0.62
CA ALA A 88 15.87 -23.65 -0.67
C ALA A 88 15.07 -23.47 0.61
N LYS A 89 13.77 -23.24 0.47
CA LYS A 89 12.96 -22.91 1.60
C LYS A 89 12.90 -24.08 2.59
N ASP A 90 12.82 -25.31 2.08
CA ASP A 90 12.53 -26.49 2.92
C ASP A 90 13.68 -26.79 3.87
N ASP A 91 14.85 -26.20 3.59
CA ASP A 91 16.07 -26.38 4.37
C ASP A 91 16.26 -25.30 5.45
N HIS A 92 15.31 -24.36 5.61
CA HIS A 92 15.53 -23.21 6.53
C HIS A 92 14.21 -22.79 7.16
N ASP A 93 14.24 -22.46 8.47
CA ASP A 93 13.14 -21.74 9.12
C ASP A 93 13.10 -20.33 8.52
N PRO A 94 11.93 -19.83 8.07
CA PRO A 94 11.85 -18.48 7.49
C PRO A 94 12.29 -17.35 8.45
N VAL A 95 12.03 -17.52 9.76
CA VAL A 95 12.38 -16.50 10.76
C VAL A 95 13.91 -16.43 10.88
N GLU A 96 14.53 -17.61 10.83
CA GLU A 96 15.95 -17.74 10.86
C GLU A 96 16.54 -17.04 9.62
N VAL A 97 15.83 -17.11 8.48
CA VAL A 97 16.34 -16.45 7.27
C VAL A 97 16.25 -14.92 7.49
N LYS A 98 15.17 -14.47 8.10
CA LYS A 98 14.95 -13.03 8.39
C LYS A 98 15.99 -12.50 9.40
N LYS A 99 16.50 -13.39 10.28
CA LYS A 99 17.57 -13.06 11.23
C LYS A 99 18.85 -12.69 10.47
N TRP A 100 19.18 -13.40 9.40
CA TRP A 100 20.40 -13.08 8.66
C TRP A 100 20.34 -11.62 8.21
N ILE A 101 19.17 -11.21 7.68
CA ILE A 101 19.02 -9.93 7.07
C ILE A 101 19.07 -8.86 8.16
N ARG A 102 18.29 -9.07 9.24
CA ARG A 102 18.34 -8.22 10.42
C ARG A 102 19.79 -8.00 10.84
N ASP A 103 20.55 -9.08 11.05
CA ASP A 103 21.91 -8.99 11.60
C ASP A 103 22.82 -8.33 10.59
N ALA A 104 22.60 -8.57 9.29
CA ALA A 104 23.39 -7.89 8.27
C ALA A 104 23.11 -6.38 8.31
N LEU A 105 21.91 -5.99 8.81
CA LEU A 105 21.45 -4.56 8.85
C LEU A 105 21.52 -3.98 10.27
N LYS A 106 22.20 -4.69 11.18
CA LYS A 106 22.27 -4.35 12.60
C LYS A 106 22.73 -2.89 12.75
N ASP A 107 23.84 -2.55 12.09
CA ASP A 107 24.54 -1.24 12.22
C ASP A 107 23.86 -0.16 11.39
N TYR A 108 23.24 -0.54 10.26
CA TYR A 108 22.68 0.42 9.30
C TYR A 108 21.55 1.23 9.96
N GLY A 109 21.60 2.56 9.77
CA GLY A 109 20.61 3.49 10.33
C GLY A 109 20.33 3.19 11.80
N ASN A 110 19.05 3.31 12.20
CA ASN A 110 18.61 3.05 13.59
C ASN A 110 18.29 1.56 13.77
N GLY A 111 18.97 0.72 12.98
CA GLY A 111 18.85 -0.74 13.05
C GLY A 111 17.58 -1.28 12.40
N ALA A 112 17.42 -2.61 12.51
CA ALA A 112 16.43 -3.38 11.80
C ALA A 112 15.61 -4.21 12.79
N GLU A 113 14.41 -4.57 12.37
CA GLU A 113 13.49 -5.34 13.19
C GLU A 113 12.77 -6.34 12.27
N ILE A 114 12.45 -7.53 12.79
CA ILE A 114 11.80 -8.55 12.02
C ILE A 114 10.30 -8.39 12.23
N ARG A 115 9.58 -8.14 11.14
CA ARG A 115 8.12 -8.15 11.20
C ARG A 115 7.63 -9.49 10.64
N ARG A 116 6.31 -9.64 10.65
CA ARG A 116 5.65 -10.86 10.29
C ARG A 116 5.90 -11.20 8.81
N SER A 117 6.07 -10.17 7.95
CA SER A 117 6.13 -10.34 6.50
C SER A 117 7.36 -9.67 5.91
N CYS A 118 8.15 -9.01 6.74
CA CYS A 118 9.34 -8.40 6.23
C CYS A 118 10.32 -8.13 7.38
N VAL A 119 11.54 -7.84 7.00
CA VAL A 119 12.49 -7.19 7.83
C VAL A 119 12.41 -5.68 7.53
N THR A 120 12.26 -4.85 8.57
CA THR A 120 12.15 -3.40 8.44
C THR A 120 13.35 -2.69 9.07
N VAL A 121 14.00 -1.84 8.26
CA VAL A 121 15.10 -1.01 8.67
C VAL A 121 14.61 0.44 8.71
N PHE A 122 14.98 1.14 9.80
CA PHE A 122 14.60 2.53 10.07
C PHE A 122 15.75 3.50 9.74
N LYS A 123 15.37 4.72 9.40
CA LYS A 123 16.26 5.76 8.96
C LYS A 123 15.56 7.09 9.22
N PRO A 124 16.20 8.26 9.05
CA PRO A 124 15.56 9.54 9.35
C PRO A 124 14.46 9.83 8.32
N GLY A 125 13.21 9.80 8.78
CA GLY A 125 12.05 10.14 7.94
C GLY A 125 11.65 9.05 6.92
N TYR A 126 12.22 7.84 7.00
CA TYR A 126 11.70 6.72 6.18
C TYR A 126 12.05 5.34 6.76
N HIS A 127 11.33 4.31 6.31
CA HIS A 127 11.72 2.93 6.54
C HIS A 127 11.67 2.12 5.23
N VAL A 128 12.48 1.05 5.25
CA VAL A 128 12.60 0.10 4.18
C VAL A 128 12.12 -1.25 4.70
N ASP A 129 11.05 -1.76 4.10
CA ASP A 129 10.52 -3.07 4.33
C ASP A 129 11.10 -4.03 3.27
N LEU A 130 11.92 -4.98 3.72
CA LEU A 130 12.47 -6.02 2.91
C LEU A 130 11.62 -7.27 3.09
N ALA A 131 10.85 -7.62 2.05
CA ALA A 131 10.20 -8.89 1.97
C ALA A 131 11.26 -9.92 1.50
N VAL A 132 11.32 -11.06 2.20
CA VAL A 132 12.41 -12.04 2.05
C VAL A 132 11.81 -13.29 1.42
N TYR A 133 12.38 -13.72 0.29
CA TYR A 133 11.89 -14.85 -0.45
C TYR A 133 12.99 -15.91 -0.58
N ALA A 134 12.56 -17.16 -0.73
CA ALA A 134 13.40 -18.26 -1.15
C ALA A 134 13.37 -18.37 -2.70
N ASP A 135 14.49 -18.85 -3.26
CA ASP A 135 14.66 -19.04 -4.69
C ASP A 135 13.63 -20.05 -5.21
N PRO A 136 12.78 -19.71 -6.22
CA PRO A 136 11.80 -20.67 -6.74
C PRO A 136 12.45 -21.91 -7.41
N GLU A 137 13.66 -21.73 -7.97
CA GLU A 137 14.41 -22.82 -8.62
C GLU A 137 14.78 -23.91 -7.58
N LEU A 138 15.32 -23.49 -6.43
CA LEU A 138 15.73 -24.42 -5.40
C LEU A 138 14.54 -24.85 -4.56
N SER A 139 13.36 -24.26 -4.76
CA SER A 139 12.25 -24.52 -3.83
C SER A 139 11.12 -25.26 -4.53
N GLY A 140 11.38 -25.76 -5.73
CA GLY A 140 10.38 -26.54 -6.45
C GLY A 140 9.34 -25.67 -7.12
N GLY A 141 9.73 -24.43 -7.46
CA GLY A 141 9.16 -23.67 -8.56
C GLY A 141 8.17 -22.60 -8.14
N THR A 142 7.91 -22.46 -6.83
CA THR A 142 7.05 -21.40 -6.29
C THR A 142 7.93 -20.32 -5.66
N LEU A 143 7.45 -19.07 -5.72
CA LEU A 143 8.04 -17.95 -4.96
C LEU A 143 7.34 -17.87 -3.60
N CYS A 144 8.09 -18.05 -2.49
CA CYS A 144 7.47 -17.98 -1.15
C CYS A 144 8.16 -16.94 -0.30
N ILE A 145 7.35 -16.14 0.40
CA ILE A 145 7.82 -15.11 1.29
C ILE A 145 8.04 -15.71 2.69
N ALA A 146 9.02 -15.19 3.41
CA ALA A 146 9.29 -15.66 4.77
C ALA A 146 8.30 -15.01 5.75
N LYS A 147 7.32 -15.79 6.22
CA LYS A 147 6.32 -15.34 7.22
C LYS A 147 6.70 -15.83 8.62
N GLY A 148 6.38 -15.00 9.64
CA GLY A 148 6.56 -15.31 11.05
C GLY A 148 7.56 -14.37 11.70
N LYS A 149 7.42 -14.20 13.03
CA LYS A 149 8.25 -13.32 13.88
C LYS A 149 9.13 -14.15 14.83
N GLU A 150 10.05 -13.48 15.54
CA GLU A 150 10.93 -14.11 16.51
C GLU A 150 10.10 -14.81 17.60
N ASN A 151 9.01 -14.16 18.02
CA ASN A 151 8.18 -14.62 19.14
C ASN A 151 7.06 -15.53 18.62
N SER A 152 7.07 -15.84 17.33
CA SER A 152 5.96 -16.54 16.70
C SER A 152 6.03 -18.04 16.98
N GLY A 153 4.86 -18.67 17.19
CA GLY A 153 4.76 -20.10 17.37
C GLY A 153 5.19 -20.83 16.11
N ASP A 154 5.03 -22.16 16.11
CA ASP A 154 5.52 -23.03 15.05
C ASP A 154 4.59 -22.94 13.84
N GLU A 155 3.28 -23.00 14.09
CA GLU A 155 2.28 -23.03 13.03
C GLU A 155 2.19 -21.67 12.31
N HIS A 156 2.90 -20.66 12.83
CA HIS A 156 2.86 -19.26 12.33
C HIS A 156 4.21 -18.84 11.71
N ARG A 157 5.14 -19.81 11.60
CA ARG A 157 6.36 -19.70 10.87
C ARG A 157 6.19 -20.50 9.58
N LEU A 158 6.15 -19.83 8.42
CA LEU A 158 5.96 -20.58 7.19
C LEU A 158 6.41 -19.77 5.95
N TRP A 159 6.59 -20.52 4.87
CA TRP A 159 6.95 -20.00 3.58
C TRP A 159 5.66 -19.93 2.75
N GLN A 160 5.09 -18.73 2.65
CA GLN A 160 3.81 -18.58 1.99
C GLN A 160 4.01 -18.21 0.53
N ILE A 161 3.31 -18.92 -0.35
CA ILE A 161 3.31 -18.68 -1.75
C ILE A 161 2.94 -17.21 -1.99
N SER A 162 3.70 -16.51 -2.83
CA SER A 162 3.41 -15.12 -3.13
C SER A 162 3.53 -14.86 -4.63
N ASP A 163 2.98 -13.74 -5.07
CA ASP A 163 3.07 -13.35 -6.45
C ASP A 163 3.06 -11.84 -6.56
N PRO A 164 4.12 -11.18 -6.06
CA PRO A 164 4.24 -9.73 -6.13
C PRO A 164 4.24 -9.17 -7.57
N GLN A 165 4.89 -9.86 -8.50
CA GLN A 165 4.95 -9.40 -9.90
C GLN A 165 3.55 -9.48 -10.52
N GLY A 166 2.86 -10.59 -10.29
CA GLY A 166 1.51 -10.73 -10.70
C GLY A 166 0.61 -9.63 -10.15
N PHE A 167 0.81 -9.24 -8.89
CA PHE A 167 -0.04 -8.23 -8.30
C PHE A 167 0.24 -6.88 -8.97
N GLN A 168 1.50 -6.52 -9.08
CA GLN A 168 1.87 -5.25 -9.68
C GLN A 168 1.33 -5.14 -11.10
N ASP A 169 1.45 -6.25 -11.87
CA ASP A 169 1.02 -6.34 -13.24
C ASP A 169 -0.49 -6.11 -13.35
N ARG A 170 -1.27 -6.72 -12.45
CA ARG A 170 -2.72 -6.46 -12.46
C ARG A 170 -3.01 -4.99 -12.15
N ILE A 171 -2.25 -4.38 -11.24
CA ILE A 171 -2.54 -2.98 -10.93
C ILE A 171 -2.22 -2.10 -12.16
N ALA A 172 -1.10 -2.38 -12.84
CA ALA A 172 -0.64 -1.59 -14.02
C ALA A 172 -1.57 -1.81 -15.22
N SER A 173 -2.14 -3.01 -15.36
CA SER A 173 -2.77 -3.43 -16.61
C SER A 173 -4.29 -3.33 -16.57
N LYS A 174 -4.91 -3.06 -15.38
CA LYS A 174 -6.37 -3.02 -15.25
C LYS A 174 -6.96 -2.03 -16.26
N LEU A 175 -6.29 -0.88 -16.40
CA LEU A 175 -6.66 0.19 -17.32
C LEU A 175 -5.43 0.66 -18.09
N SER A 176 -5.64 1.60 -19.02
CA SER A 176 -4.49 2.26 -19.66
C SER A 176 -4.74 3.76 -19.80
N GLY A 177 -3.71 4.47 -20.24
CA GLY A 177 -3.75 5.93 -20.53
C GLY A 177 -4.35 6.78 -19.40
N ASP A 178 -5.26 7.68 -19.77
CA ASP A 178 -5.80 8.62 -18.84
C ASP A 178 -6.81 7.92 -17.92
N ASP A 179 -7.38 6.80 -18.36
CA ASP A 179 -8.22 6.01 -17.51
C ASP A 179 -7.40 5.47 -16.35
N ALA A 180 -6.22 4.90 -16.65
CA ALA A 180 -5.34 4.34 -15.61
C ALA A 180 -4.86 5.48 -14.71
N ALA A 181 -4.62 6.67 -15.30
CA ALA A 181 -4.19 7.78 -14.50
C ALA A 181 -5.24 8.10 -13.42
N GLN A 182 -6.52 8.12 -13.78
CA GLN A 182 -7.58 8.47 -12.82
C GLN A 182 -7.64 7.43 -11.70
N PHE A 183 -7.47 6.17 -12.07
CA PHE A 183 -7.43 5.06 -11.15
C PHE A 183 -6.30 5.28 -10.11
N ARG A 184 -5.11 5.65 -10.58
CA ARG A 184 -3.96 5.90 -9.70
C ARG A 184 -4.21 7.16 -8.84
N ARG A 185 -4.82 8.20 -9.41
CA ARG A 185 -5.08 9.39 -8.64
C ARG A 185 -6.04 9.02 -7.50
N CYS A 186 -7.00 8.14 -7.77
CA CYS A 186 -8.04 7.86 -6.79
C CYS A 186 -7.48 7.01 -5.66
N ILE A 187 -6.50 6.14 -5.95
CA ILE A 187 -5.83 5.39 -4.90
C ILE A 187 -5.07 6.42 -4.03
N ARG A 188 -4.37 7.35 -4.66
CA ARG A 188 -3.57 8.35 -3.90
C ARG A 188 -4.48 9.20 -3.01
N TYR A 189 -5.60 9.67 -3.56
CA TYR A 189 -6.55 10.46 -2.78
C TYR A 189 -6.94 9.70 -1.50
N LEU A 190 -7.23 8.39 -1.66
CA LEU A 190 -7.70 7.64 -0.50
C LEU A 190 -6.55 7.38 0.48
N LYS A 191 -5.29 7.33 0.00
CA LYS A 191 -4.14 7.13 0.88
C LYS A 191 -3.90 8.39 1.73
N ARG A 192 -4.11 9.59 1.15
CA ARG A 192 -4.02 10.82 1.93
C ARG A 192 -5.19 10.89 2.94
N TRP A 193 -6.37 10.49 2.49
CA TRP A 193 -7.52 10.41 3.43
C TRP A 193 -7.15 9.49 4.61
N ARG A 194 -6.55 8.35 4.31
CA ARG A 194 -6.08 7.41 5.32
C ARG A 194 -5.12 8.13 6.27
N ASP A 195 -4.14 8.84 5.70
CA ASP A 195 -3.07 9.48 6.51
C ASP A 195 -3.69 10.61 7.33
N PHE A 196 -4.72 11.29 6.81
CA PHE A 196 -5.27 12.41 7.49
C PHE A 196 -6.22 11.97 8.63
N ARG A 197 -7.05 10.96 8.41
CA ARG A 197 -8.12 10.68 9.40
C ARG A 197 -7.85 9.42 10.24
N PHE A 198 -6.81 8.68 9.93
CA PHE A 198 -6.50 7.49 10.70
C PHE A 198 -5.17 7.68 11.39
N SER A 199 -4.97 7.04 12.55
CA SER A 199 -3.80 7.24 13.38
C SER A 199 -2.56 6.61 12.70
N SER A 200 -1.41 7.30 12.85
CA SER A 200 -0.08 6.87 12.36
C SER A 200 0.04 5.34 12.44
N ALA A 204 -4.76 0.45 13.04
CA ALA A 204 -6.20 0.82 12.86
C ALA A 204 -6.49 1.31 11.43
N ALA A 205 -5.45 1.79 10.72
CA ALA A 205 -5.59 2.49 9.44
C ALA A 205 -5.88 1.49 8.30
N PRO A 206 -6.84 1.78 7.37
CA PRO A 206 -7.06 0.97 6.18
C PRO A 206 -5.75 0.94 5.38
N LEU A 207 -5.09 -0.20 5.39
CA LEU A 207 -3.87 -0.35 4.76
C LEU A 207 -3.94 0.20 3.32
N GLY A 208 -2.76 0.51 2.78
CA GLY A 208 -2.57 0.96 1.43
C GLY A 208 -2.84 -0.15 0.43
N ILE A 209 -2.37 -1.36 0.79
CA ILE A 209 -2.59 -2.55 0.05
C ILE A 209 -4.09 -2.79 -0.11
N GLY A 210 -4.84 -2.56 0.98
CA GLY A 210 -6.27 -2.80 1.03
C GLY A 210 -7.03 -1.90 0.06
N LEU A 211 -6.72 -0.59 0.10
CA LEU A 211 -7.41 0.34 -0.72
C LEU A 211 -7.00 0.08 -2.15
N THR A 212 -5.75 -0.36 -2.34
CA THR A 212 -5.27 -0.64 -3.70
C THR A 212 -6.00 -1.88 -4.27
N ALA A 213 -6.08 -2.95 -3.48
CA ALA A 213 -6.77 -4.13 -3.95
C ALA A 213 -8.26 -3.78 -4.16
N ALA A 214 -8.82 -2.98 -3.26
CA ALA A 214 -10.24 -2.63 -3.34
C ALA A 214 -10.52 -1.97 -4.68
N ALA A 215 -9.67 -1.00 -5.03
CA ALA A 215 -9.74 -0.27 -6.28
C ALA A 215 -9.61 -1.22 -7.47
N TYR A 216 -8.64 -2.14 -7.42
CA TYR A 216 -8.54 -3.15 -8.48
C TYR A 216 -9.91 -3.79 -8.72
N TRP A 217 -10.62 -4.18 -7.64
CA TRP A 217 -11.91 -4.89 -7.79
C TRP A 217 -13.02 -3.92 -8.23
N TRP A 218 -13.04 -2.69 -7.68
CA TRP A 218 -14.25 -1.95 -7.69
C TRP A 218 -14.14 -0.57 -8.35
N PHE A 219 -12.94 -0.08 -8.67
CA PHE A 219 -12.89 1.29 -9.26
C PHE A 219 -13.49 1.24 -10.66
N GLN A 220 -14.25 2.30 -10.98
CA GLN A 220 -14.75 2.54 -12.31
C GLN A 220 -14.36 3.97 -12.73
N VAL A 221 -13.88 4.11 -13.95
CA VAL A 221 -13.57 5.40 -14.50
C VAL A 221 -14.86 6.25 -14.50
N SER A 222 -14.74 7.55 -14.22
CA SER A 222 -15.78 8.52 -14.50
C SER A 222 -15.21 9.60 -15.42
N LYS A 223 -15.70 9.56 -16.65
CA LYS A 223 -15.37 10.55 -17.68
C LYS A 223 -16.62 10.77 -18.54
N ARG A 224 -16.62 11.87 -19.29
CA ARG A 224 -17.63 12.16 -20.31
C ARG A 224 -16.91 12.43 -21.64
N THR A 225 -17.46 11.86 -22.73
CA THR A 225 -16.98 12.03 -24.10
C THR A 225 -18.03 12.81 -24.88
N ASP A 226 -17.70 14.02 -25.29
CA ASP A 226 -18.63 14.82 -26.03
C ASP A 226 -19.08 14.04 -27.28
N PRO A 227 -20.41 13.90 -27.53
CA PRO A 227 -20.89 13.20 -28.73
C PRO A 227 -20.35 13.73 -30.07
N VAL A 228 -19.96 15.02 -30.12
CA VAL A 228 -19.71 15.75 -31.40
C VAL A 228 -18.20 15.98 -31.59
N SER A 229 -17.57 16.57 -30.58
CA SER A 229 -16.16 16.93 -30.61
C SER A 229 -15.30 15.74 -30.14
N GLN A 230 -15.93 14.73 -29.52
CA GLN A 230 -15.20 13.57 -28.91
C GLN A 230 -14.18 14.01 -27.84
N ASN A 231 -14.25 15.28 -27.38
CA ASN A 231 -13.47 15.76 -26.24
C ASN A 231 -13.82 14.98 -24.96
N VAL A 232 -12.78 14.54 -24.20
CA VAL A 232 -12.90 13.72 -22.96
C VAL A 232 -12.53 14.61 -21.76
N THR A 233 -13.41 14.64 -20.75
CA THR A 233 -13.11 15.23 -19.43
C THR A 233 -13.37 14.19 -18.32
N TYR A 234 -12.54 14.21 -17.29
CA TYR A 234 -12.60 13.26 -16.24
C TYR A 234 -13.30 13.92 -15.04
N ASP A 235 -14.00 13.11 -14.23
CA ASP A 235 -14.70 13.56 -13.03
C ASP A 235 -14.22 12.72 -11.85
N ASP A 236 -13.11 13.12 -11.24
CA ASP A 236 -12.52 12.34 -10.12
C ASP A 236 -13.47 12.31 -8.88
N ARG A 237 -14.20 13.39 -8.64
CA ARG A 237 -15.13 13.44 -7.51
C ARG A 237 -16.13 12.29 -7.67
N ASP A 238 -16.66 12.17 -8.89
CA ASP A 238 -17.66 11.17 -9.17
C ASP A 238 -17.01 9.79 -9.09
N ALA A 239 -15.77 9.66 -9.57
CA ALA A 239 -15.12 8.34 -9.55
C ALA A 239 -15.00 7.85 -8.09
N LEU A 240 -14.60 8.75 -7.20
CA LEU A 240 -14.47 8.43 -5.76
C LEU A 240 -15.85 8.12 -5.14
N GLU A 241 -16.86 8.90 -5.52
CA GLU A 241 -18.20 8.68 -4.98
C GLU A 241 -18.65 7.23 -5.29
N GLN A 242 -18.59 6.82 -6.56
CA GLN A 242 -19.01 5.46 -6.93
C GLN A 242 -18.10 4.42 -6.26
N PHE A 243 -16.78 4.65 -6.27
CA PHE A 243 -15.88 3.67 -5.66
C PHE A 243 -16.19 3.52 -4.16
N VAL A 244 -16.33 4.65 -3.44
CA VAL A 244 -16.58 4.58 -2.01
C VAL A 244 -17.94 3.93 -1.70
N GLN A 245 -19.00 4.32 -2.41
CA GLN A 245 -20.29 3.66 -2.30
C GLN A 245 -20.16 2.14 -2.52
N THR A 246 -19.42 1.71 -3.55
CA THR A 246 -19.25 0.27 -3.81
C THR A 246 -18.51 -0.43 -2.66
N MET A 247 -17.43 0.18 -2.13
CA MET A 247 -16.80 -0.42 -0.94
C MET A 247 -17.84 -0.55 0.22
N LEU A 248 -18.58 0.51 0.49
CA LEU A 248 -19.54 0.47 1.62
C LEU A 248 -20.54 -0.67 1.40
N ASP A 249 -21.04 -0.81 0.17
CA ASP A 249 -21.98 -1.87 -0.16
C ASP A 249 -21.39 -3.27 0.08
N ASN A 250 -20.06 -3.41 0.15
CA ASN A 250 -19.48 -4.74 0.27
C ASN A 250 -19.08 -5.07 1.71
N PHE A 251 -19.36 -4.16 2.64
CA PHE A 251 -19.28 -4.50 4.07
C PHE A 251 -20.38 -5.50 4.42
N HIS A 252 -20.03 -6.45 5.28
CA HIS A 252 -20.89 -7.53 5.71
C HIS A 252 -20.84 -7.56 7.23
N ASP A 253 -22.00 -7.39 7.89
CA ASP A 253 -22.15 -7.62 9.33
C ASP A 253 -21.78 -9.06 9.67
N THR A 254 -20.76 -9.22 10.52
CA THR A 254 -20.07 -10.46 10.80
C THR A 254 -20.05 -10.64 12.31
N TRP A 255 -20.60 -11.75 12.78
CA TRP A 255 -20.82 -12.03 14.19
C TRP A 255 -19.48 -12.48 14.78
N ASP A 256 -19.18 -12.00 15.96
CA ASP A 256 -18.03 -12.40 16.66
C ASP A 256 -18.49 -13.05 17.96
N SER A 257 -18.23 -14.36 18.10
CA SER A 257 -18.77 -15.15 19.18
C SER A 257 -18.16 -14.70 20.50
N LYS A 258 -16.84 -14.57 20.52
CA LYS A 258 -16.08 -14.07 21.67
C LYS A 258 -16.72 -12.79 22.25
N ASP A 259 -17.02 -11.79 21.40
CA ASP A 259 -17.54 -10.49 21.89
C ASP A 259 -19.06 -10.50 22.04
N GLN A 260 -19.73 -11.51 21.45
CA GLN A 260 -21.19 -11.61 21.37
C GLN A 260 -21.79 -10.34 20.74
N ARG A 261 -21.25 -9.93 19.59
CA ARG A 261 -21.90 -8.89 18.77
C ARG A 261 -21.33 -8.99 17.34
N SER A 262 -21.98 -8.33 16.38
CA SER A 262 -21.40 -8.29 15.09
C SER A 262 -20.68 -6.94 14.87
N TYR A 263 -19.73 -7.01 13.95
CA TYR A 263 -18.99 -5.88 13.45
C TYR A 263 -19.10 -5.89 11.94
N PRO A 264 -19.23 -4.71 11.30
CA PRO A 264 -19.20 -4.65 9.84
C PRO A 264 -17.76 -4.85 9.37
N ARG A 265 -17.55 -5.77 8.44
CA ARG A 265 -16.26 -6.13 7.94
C ARG A 265 -16.30 -6.05 6.41
N LEU A 266 -15.27 -5.43 5.85
CA LEU A 266 -15.02 -5.47 4.46
C LEU A 266 -13.92 -6.49 4.21
N THR A 267 -14.23 -7.50 3.40
CA THR A 267 -13.25 -8.51 2.95
C THR A 267 -12.82 -8.14 1.53
N VAL A 268 -11.51 -8.13 1.29
CA VAL A 268 -10.95 -7.82 -0.04
C VAL A 268 -9.81 -8.79 -0.29
N GLU A 269 -10.01 -9.71 -1.22
CA GLU A 269 -9.01 -10.71 -1.53
C GLU A 269 -7.96 -10.06 -2.41
N LEU A 270 -6.73 -10.44 -2.19
CA LEU A 270 -5.69 -10.24 -3.15
C LEU A 270 -6.09 -10.96 -4.45
N PRO A 271 -6.01 -10.29 -5.63
CA PRO A 271 -6.30 -10.96 -6.91
C PRO A 271 -5.22 -11.93 -7.43
N VAL A 272 -4.21 -12.24 -6.62
CA VAL A 272 -3.19 -13.21 -6.93
C VAL A 272 -2.85 -13.99 -5.65
N GLN A 273 -2.06 -15.05 -5.81
CA GLN A 273 -1.64 -15.90 -4.67
C GLN A 273 -1.10 -15.01 -3.57
N PRO A 274 -1.49 -15.26 -2.31
CA PRO A 274 -2.34 -16.34 -1.87
C PRO A 274 -3.85 -16.09 -1.79
N TYR A 275 -4.33 -14.97 -2.38
CA TYR A 275 -5.76 -14.63 -2.36
C TYR A 275 -6.27 -14.44 -0.90
N ASN A 276 -5.40 -14.02 0.01
CA ASN A 276 -5.77 -13.69 1.40
C ASN A 276 -6.58 -12.39 1.41
N ASP A 277 -7.42 -12.26 2.44
CA ASP A 277 -8.16 -11.01 2.77
C ASP A 277 -7.15 -9.98 3.27
N VAL A 278 -6.88 -8.96 2.47
CA VAL A 278 -5.86 -7.99 2.81
C VAL A 278 -6.26 -7.19 4.07
N PHE A 279 -7.52 -7.22 4.48
CA PHE A 279 -7.95 -6.48 5.67
C PHE A 279 -8.05 -7.40 6.90
N GLU A 280 -7.54 -8.63 6.83
CA GLU A 280 -7.90 -9.61 7.84
C GLU A 280 -7.36 -9.19 9.21
N LYS A 281 -6.33 -8.33 9.26
CA LYS A 281 -5.64 -7.97 10.50
C LYS A 281 -6.43 -6.89 11.27
N MET A 282 -7.26 -6.14 10.58
CA MET A 282 -8.09 -5.12 11.25
C MET A 282 -9.12 -5.84 12.13
N THR A 283 -9.30 -5.33 13.36
CA THR A 283 -10.22 -5.87 14.32
C THR A 283 -11.63 -5.39 13.96
N GLY A 284 -12.64 -6.06 14.54
CA GLY A 284 -14.05 -5.67 14.38
C GLY A 284 -14.30 -4.20 14.66
N MET A 285 -13.77 -3.71 15.80
CA MET A 285 -13.95 -2.29 16.21
C MET A 285 -13.25 -1.32 15.22
N GLN A 286 -12.07 -1.68 14.71
CA GLN A 286 -11.34 -0.80 13.74
C GLN A 286 -12.10 -0.81 12.41
N MET A 287 -12.73 -1.95 12.09
CA MET A 287 -13.56 -2.05 10.86
C MET A 287 -14.80 -1.17 10.96
N GLU A 288 -15.42 -1.14 12.14
CA GLU A 288 -16.60 -0.35 12.36
C GLU A 288 -16.25 1.14 12.18
N SER A 289 -15.17 1.57 12.83
CA SER A 289 -14.69 2.94 12.70
C SER A 289 -14.35 3.25 11.21
N PHE A 290 -13.78 2.29 10.50
CA PHE A 290 -13.39 2.44 9.09
C PHE A 290 -14.64 2.66 8.25
N LYS A 291 -15.68 1.87 8.53
CA LYS A 291 -16.95 2.01 7.81
C LYS A 291 -17.56 3.41 8.06
N SER A 292 -17.64 3.84 9.34
CA SER A 292 -18.14 5.20 9.69
C SER A 292 -17.42 6.29 8.90
N LYS A 293 -16.09 6.24 8.86
CA LYS A 293 -15.34 7.28 8.24
C LYS A 293 -15.52 7.23 6.72
N LEU A 294 -15.63 6.03 6.15
CA LEU A 294 -15.92 5.91 4.73
C LEU A 294 -17.28 6.56 4.42
N GLN A 295 -18.26 6.32 5.30
CA GLN A 295 -19.58 6.89 5.10
C GLN A 295 -19.50 8.43 5.17
N ALA A 296 -18.73 8.96 6.13
CA ALA A 296 -18.67 10.40 6.26
C ALA A 296 -17.91 10.99 5.04
N LEU A 297 -16.93 10.24 4.50
CA LEU A 297 -16.26 10.71 3.28
C LEU A 297 -17.26 10.71 2.13
N LEU A 298 -18.07 9.66 2.05
CA LEU A 298 -19.08 9.57 0.95
C LEU A 298 -20.03 10.76 0.99
N ASN A 299 -20.51 11.08 2.19
CA ASN A 299 -21.41 12.18 2.41
C ASN A 299 -20.76 13.50 1.95
N ALA A 300 -19.49 13.67 2.24
CA ALA A 300 -18.79 14.89 1.83
C ALA A 300 -18.64 14.93 0.29
N LEU A 301 -18.41 13.77 -0.33
CA LEU A 301 -18.26 13.72 -1.79
C LEU A 301 -19.57 14.17 -2.46
N LYS A 302 -20.68 13.76 -1.85
CA LYS A 302 -22.02 14.19 -2.33
C LYS A 302 -22.24 15.67 -2.05
N THR A 303 -21.90 16.12 -0.84
CA THR A 303 -22.07 17.51 -0.48
C THR A 303 -21.31 18.37 -1.50
N ALA A 304 -20.07 17.94 -1.79
CA ALA A 304 -19.17 18.67 -2.68
C ALA A 304 -19.78 18.88 -4.07
N LYS A 305 -20.77 18.11 -4.49
CA LYS A 305 -21.25 18.23 -5.88
C LYS A 305 -22.44 19.21 -5.98
N SER A 306 -23.03 19.57 -4.83
CA SER A 306 -24.25 20.36 -4.79
C SER A 306 -24.01 21.73 -4.11
N ARG A 307 -22.77 22.21 -4.09
CA ARG A 307 -22.48 23.50 -3.52
C ARG A 307 -22.43 24.53 -4.66
N LEU A 308 -23.12 25.66 -4.48
CA LEU A 308 -23.08 26.76 -5.42
C LEU A 308 -21.69 27.36 -5.45
N GLU A 309 -21.04 27.42 -4.29
CA GLU A 309 -19.78 28.09 -4.14
C GLU A 309 -18.65 27.06 -4.04
N LEU A 310 -17.60 27.29 -4.84
CA LEU A 310 -16.39 26.46 -4.92
C LEU A 310 -15.77 26.36 -3.53
N HIS A 311 -15.78 27.48 -2.78
CA HIS A 311 -15.22 27.49 -1.44
C HIS A 311 -15.90 26.41 -0.59
N ASP A 312 -17.23 26.32 -0.64
CA ASP A 312 -17.94 25.43 0.25
C ASP A 312 -17.74 23.97 -0.18
N ALA A 313 -17.65 23.75 -1.50
CA ALA A 313 -17.45 22.40 -2.08
C ALA A 313 -16.09 21.83 -1.63
N CYS A 314 -15.07 22.68 -1.70
CA CYS A 314 -13.71 22.31 -1.40
C CYS A 314 -13.49 22.12 0.11
N LYS A 315 -14.07 23.02 0.91
CA LYS A 315 -14.01 22.92 2.33
C LYS A 315 -14.59 21.58 2.80
N ALA A 316 -15.73 21.17 2.23
CA ALA A 316 -16.32 19.84 2.57
C ALA A 316 -15.31 18.73 2.25
N LEU A 317 -14.50 18.91 1.19
CA LEU A 317 -13.56 17.87 0.80
C LEU A 317 -12.32 17.90 1.70
N ALA A 318 -11.89 19.11 2.09
CA ALA A 318 -10.72 19.36 2.91
C ALA A 318 -10.91 18.78 4.31
N ASP A 319 -12.14 18.74 4.81
CA ASP A 319 -12.39 18.15 6.13
C ASP A 319 -12.03 16.65 6.15
N HIS A 320 -11.97 15.99 4.98
CA HIS A 320 -11.64 14.54 4.88
C HIS A 320 -10.26 14.29 4.26
N PHE A 321 -9.84 15.15 3.32
CA PHE A 321 -8.56 14.95 2.59
C PHE A 321 -7.42 15.74 3.25
N GLY A 322 -7.78 16.73 4.09
CA GLY A 322 -6.82 17.46 4.93
C GLY A 322 -6.39 18.77 4.30
N SER A 323 -5.34 19.40 4.87
CA SER A 323 -5.11 20.84 4.58
C SER A 323 -4.30 21.06 3.29
N GLU A 324 -3.93 19.99 2.57
CA GLU A 324 -3.34 20.18 1.22
C GLU A 324 -4.42 20.14 0.15
N PHE A 325 -5.66 19.87 0.57
CA PHE A 325 -6.74 20.00 -0.38
C PHE A 325 -7.00 21.49 -0.58
N PRO A 326 -6.92 22.00 -1.82
CA PRO A 326 -7.04 23.44 -2.04
C PRO A 326 -8.45 23.94 -1.75
N VAL A 327 -8.56 24.97 -0.92
CA VAL A 327 -9.81 25.62 -0.65
C VAL A 327 -9.68 27.06 -1.14
N PRO A 328 -10.26 27.43 -2.29
CA PRO A 328 -10.24 28.85 -2.71
C PRO A 328 -10.99 29.72 -1.71
N GLU A 329 -10.52 30.95 -1.47
CA GLU A 329 -11.20 31.91 -0.56
C GLU A 329 -12.63 32.18 -1.04
N LYS A 330 -13.57 32.40 -0.12
CA LYS A 330 -14.91 32.92 -0.47
C LYS A 330 -14.82 34.43 -0.70
#